data_4MUH
#
_entry.id   4MUH
#
_cell.length_a   48.410
_cell.length_b   71.070
_cell.length_c   81.640
_cell.angle_alpha   90.00
_cell.angle_beta   98.91
_cell.angle_gamma   90.00
#
_symmetry.space_group_name_H-M   'P 1 21 1'
#
loop_
_entity.id
_entity.type
_entity.pdbx_description
1 polymer 'Pantothenate synthetase'
2 non-polymer ETHANOL
3 non-polymer '[2-({[5-(acetylamino)-1,3,4-thiadiazol-2-yl]sulfonyl}carbamoyl)-5-methoxy-1H-indol-1-yl]acetic acid'
4 non-polymer 1,2-ETHANEDIOL
5 water water
#
_entity_poly.entity_id   1
_entity_poly.type   'polypeptide(L)'
_entity_poly.pdbx_seq_one_letter_code
;MAIPAFHPGELNVYSAPGDVADVSRALRLTGRRVMLVPTMGALHEGHLALVRAAKRVPGSVVVVSIFVNPMQFGAGGDLD
AYPRTPDDDLAQLRAEGVEIAFTPTTAAMYPDGLRTTVQPGPLAAELEGGPRPTHFAGVLTVVLKLLQIVRPDRVFFGEK
DYQQLVLIRQLVADFNLDVAVVGVPTVREADGLAMSSRNRYLDPAQRAAAVALSAALTAAAHAATAGAQAALDAARAVLD
AAPGVAVDYLELRDIGLGPMPLNGSGRLLVAARLGTTRLLDNIAIEIGTFAGTDRPDGYR
;
_entity_poly.pdbx_strand_id   A,B
#
# COMPACT_ATOMS: atom_id res chain seq x y z
N PRO A 4 9.19 -16.43 -18.62
CA PRO A 4 10.28 -17.20 -18.00
C PRO A 4 10.00 -18.70 -18.05
N ALA A 5 11.05 -19.50 -17.96
CA ALA A 5 10.90 -20.96 -17.79
C ALA A 5 10.43 -21.30 -16.38
N PHE A 6 9.53 -22.27 -16.25
CA PHE A 6 9.20 -22.91 -14.96
C PHE A 6 9.27 -24.41 -15.07
N HIS A 7 10.23 -25.01 -14.36
CA HIS A 7 10.41 -26.47 -14.26
C HIS A 7 9.78 -27.03 -12.99
N PRO A 8 8.60 -27.65 -13.10
CA PRO A 8 7.87 -28.24 -11.97
C PRO A 8 8.68 -29.34 -11.24
N GLY A 9 8.52 -29.45 -9.94
CA GLY A 9 9.33 -30.37 -9.12
C GLY A 9 10.83 -30.07 -9.01
N GLU A 10 11.26 -28.91 -9.50
CA GLU A 10 12.63 -28.42 -9.28
C GLU A 10 12.53 -27.02 -8.63
N LEU A 11 13.61 -26.57 -7.99
CA LEU A 11 13.61 -25.20 -7.43
C LEU A 11 13.93 -24.24 -8.58
N ASN A 12 13.03 -23.32 -8.86
CA ASN A 12 13.24 -22.27 -9.86
C ASN A 12 13.52 -20.95 -9.15
N VAL A 13 14.66 -20.34 -9.46
CA VAL A 13 15.08 -19.07 -8.79
C VAL A 13 14.86 -17.90 -9.74
N TYR A 14 14.10 -16.88 -9.31
CA TYR A 14 13.88 -15.65 -10.14
C TYR A 14 14.34 -14.45 -9.32
N SER A 15 15.16 -13.59 -9.91
N SER A 15 15.14 -13.59 -9.94
CA SER A 15 15.45 -12.32 -9.26
CA SER A 15 15.53 -12.34 -9.30
C SER A 15 14.48 -11.22 -9.74
C SER A 15 14.75 -11.13 -9.85
N ALA A 16 14.10 -11.24 -11.02
CA ALA A 16 13.35 -10.11 -11.55
C ALA A 16 11.91 -10.14 -11.08
N PRO A 17 11.40 -9.02 -10.50
CA PRO A 17 9.99 -9.04 -10.10
C PRO A 17 9.01 -9.45 -11.24
N GLY A 18 9.22 -8.90 -12.46
CA GLY A 18 8.39 -9.31 -13.61
C GLY A 18 8.43 -10.80 -13.89
N ASP A 19 9.60 -11.48 -13.73
CA ASP A 19 9.63 -12.95 -13.90
C ASP A 19 8.70 -13.67 -12.91
N VAL A 20 8.86 -13.43 -11.60
CA VAL A 20 8.02 -14.15 -10.66
C VAL A 20 6.54 -13.80 -10.82
N ALA A 21 6.25 -12.56 -11.16
CA ALA A 21 4.86 -12.12 -11.32
C ALA A 21 4.21 -12.91 -12.49
N ASP A 22 4.94 -13.04 -13.59
CA ASP A 22 4.39 -13.76 -14.78
C ASP A 22 4.22 -15.24 -14.48
N VAL A 23 5.21 -15.86 -13.86
CA VAL A 23 5.12 -17.27 -13.47
C VAL A 23 3.98 -17.53 -12.53
N SER A 24 3.86 -16.67 -11.51
CA SER A 24 2.76 -16.81 -10.53
C SER A 24 1.35 -16.73 -11.22
N ARG A 25 1.15 -15.68 -12.02
CA ARG A 25 -0.10 -15.47 -12.74
C ARG A 25 -0.39 -16.71 -13.60
N ALA A 26 0.63 -17.19 -14.32
CA ALA A 26 0.41 -18.33 -15.21
C ALA A 26 -0.02 -19.56 -14.41
N LEU A 27 0.64 -19.81 -13.25
CA LEU A 27 0.26 -20.96 -12.44
C LEU A 27 -1.16 -20.81 -11.86
N ARG A 28 -1.47 -19.61 -11.39
CA ARG A 28 -2.77 -19.37 -10.81
C ARG A 28 -3.91 -19.61 -11.84
N LEU A 29 -3.65 -19.24 -13.07
CA LEU A 29 -4.65 -19.37 -14.17
C LEU A 29 -4.85 -20.81 -14.57
N THR A 30 -3.88 -21.67 -14.23
CA THR A 30 -4.02 -23.07 -14.52
C THR A 30 -4.47 -23.86 -13.33
N GLY A 31 -4.97 -23.20 -12.28
CA GLY A 31 -5.50 -23.93 -11.11
C GLY A 31 -4.68 -24.10 -9.83
N ARG A 32 -3.41 -23.68 -9.85
CA ARG A 32 -2.56 -23.89 -8.67
C ARG A 32 -2.87 -22.74 -7.71
N ARG A 33 -2.85 -23.02 -6.42
CA ARG A 33 -2.97 -21.93 -5.46
C ARG A 33 -1.59 -21.47 -5.02
N VAL A 34 -1.34 -20.19 -5.13
CA VAL A 34 0.04 -19.66 -4.87
C VAL A 34 0.19 -19.25 -3.39
N MET A 35 1.18 -19.85 -2.71
CA MET A 35 1.41 -19.59 -1.28
C MET A 35 2.74 -18.81 -1.20
N LEU A 36 2.72 -17.71 -0.44
CA LEU A 36 3.96 -16.92 -0.29
C LEU A 36 4.49 -17.01 1.16
N VAL A 37 5.81 -17.23 1.26
CA VAL A 37 6.43 -17.20 2.60
C VAL A 37 7.56 -16.16 2.46
N PRO A 38 7.38 -14.97 2.99
CA PRO A 38 8.37 -13.91 2.84
C PRO A 38 9.39 -14.00 3.92
N THR A 39 10.66 -14.01 3.55
CA THR A 39 11.70 -14.14 4.58
C THR A 39 12.84 -13.12 4.26
N MET A 40 13.75 -13.01 5.25
CA MET A 40 15.00 -12.24 5.02
C MET A 40 16.13 -13.20 4.95
N GLY A 41 15.83 -14.45 4.57
CA GLY A 41 16.96 -15.41 4.37
C GLY A 41 17.51 -15.94 5.74
N ALA A 42 18.67 -16.57 5.73
CA ALA A 42 19.21 -17.16 6.98
C ALA A 42 18.19 -18.12 7.58
N LEU A 43 17.76 -19.06 6.76
CA LEU A 43 16.58 -19.83 7.07
C LEU A 43 16.90 -20.88 8.12
N HIS A 44 15.98 -21.06 9.02
CA HIS A 44 16.10 -22.10 10.05
C HIS A 44 14.80 -22.91 10.12
N GLU A 45 14.68 -23.80 11.10
CA GLU A 45 13.53 -24.69 11.10
C GLU A 45 12.19 -23.98 11.25
N GLY A 46 12.23 -22.82 11.90
CA GLY A 46 11.04 -21.98 12.03
C GLY A 46 10.51 -21.55 10.63
N HIS A 47 11.43 -21.09 9.76
CA HIS A 47 11.05 -20.85 8.35
C HIS A 47 10.53 -22.10 7.65
N LEU A 48 11.19 -23.25 7.89
CA LEU A 48 10.77 -24.51 7.25
C LEU A 48 9.36 -24.91 7.71
N ALA A 49 8.94 -24.53 8.90
CA ALA A 49 7.56 -24.84 9.31
C ALA A 49 6.56 -24.00 8.48
N LEU A 50 6.92 -22.73 8.22
CA LEU A 50 6.11 -21.91 7.31
C LEU A 50 6.00 -22.61 5.97
N VAL A 51 7.15 -23.04 5.41
CA VAL A 51 7.10 -23.71 4.13
C VAL A 51 6.21 -24.98 4.19
N ARG A 52 6.36 -25.76 5.26
CA ARG A 52 5.51 -26.97 5.39
C ARG A 52 4.00 -26.70 5.48
N ALA A 53 3.61 -25.63 6.15
CA ALA A 53 2.20 -25.21 6.25
C ALA A 53 1.72 -24.85 4.88
N ALA A 54 2.53 -24.17 4.08
CA ALA A 54 2.19 -23.73 2.73
C ALA A 54 2.04 -24.93 1.83
N LYS A 55 2.97 -25.88 1.95
CA LYS A 55 2.93 -27.10 1.10
C LYS A 55 1.71 -27.96 1.34
N ARG A 56 1.24 -27.97 2.57
CA ARG A 56 0.05 -28.75 2.96
C ARG A 56 -1.22 -28.30 2.28
N VAL A 57 -1.27 -27.05 1.79
CA VAL A 57 -2.50 -26.52 1.16
C VAL A 57 -2.72 -27.23 -0.15
N PRO A 58 -3.91 -27.87 -0.33
CA PRO A 58 -4.06 -28.69 -1.55
C PRO A 58 -3.84 -27.92 -2.88
N GLY A 59 -3.02 -28.49 -3.76
CA GLY A 59 -2.75 -27.87 -5.05
C GLY A 59 -1.83 -26.63 -4.95
N SER A 60 -1.17 -26.45 -3.83
CA SER A 60 -0.32 -25.25 -3.68
C SER A 60 0.88 -25.26 -4.61
N VAL A 61 1.35 -24.05 -5.01
CA VAL A 61 2.75 -23.87 -5.47
C VAL A 61 3.38 -22.92 -4.44
N VAL A 62 4.58 -23.21 -3.93
CA VAL A 62 5.10 -22.38 -2.82
C VAL A 62 6.17 -21.46 -3.35
N VAL A 63 6.04 -20.16 -3.05
CA VAL A 63 7.02 -19.19 -3.44
C VAL A 63 7.62 -18.71 -2.14
N VAL A 64 8.94 -18.84 -1.98
CA VAL A 64 9.58 -18.29 -0.81
C VAL A 64 10.37 -17.07 -1.30
N SER A 65 10.17 -15.89 -0.69
CA SER A 65 11.01 -14.75 -1.08
C SER A 65 12.11 -14.62 -0.04
N ILE A 66 13.30 -14.20 -0.53
CA ILE A 66 14.45 -13.92 0.34
C ILE A 66 14.92 -12.53 -0.11
N PHE A 67 14.83 -11.58 0.80
CA PHE A 67 15.20 -10.21 0.50
C PHE A 67 15.46 -9.52 1.81
N VAL A 68 16.71 -9.07 2.00
CA VAL A 68 17.02 -8.36 3.27
C VAL A 68 16.67 -6.91 2.96
N ASN A 69 15.58 -6.48 3.56
CA ASN A 69 14.94 -5.26 3.10
C ASN A 69 15.57 -4.05 3.71
N PRO A 70 16.32 -3.24 2.93
CA PRO A 70 16.98 -2.16 3.68
C PRO A 70 16.05 -1.14 4.37
N MET A 71 14.80 -1.06 3.93
CA MET A 71 13.90 0.01 4.48
C MET A 71 13.51 -0.21 5.94
N GLN A 72 13.63 -1.44 6.45
CA GLN A 72 13.22 -1.72 7.83
C GLN A 72 14.42 -1.70 8.82
N PHE A 73 15.61 -1.34 8.33
CA PHE A 73 16.72 -1.23 9.27
C PHE A 73 16.92 0.26 9.56
N GLY A 74 17.17 0.59 10.81
CA GLY A 74 17.29 2.02 11.12
C GLY A 74 18.70 2.49 10.90
N ALA A 75 19.66 1.65 11.32
CA ALA A 75 20.99 2.06 11.80
C ALA A 75 21.95 2.83 10.81
N GLY A 76 23.28 2.71 10.87
CA GLY A 76 24.03 1.73 11.64
C GLY A 76 24.53 0.56 10.78
N GLY A 77 25.15 -0.39 11.43
CA GLY A 77 25.68 -1.51 10.71
C GLY A 77 24.72 -2.65 10.88
N ASP A 78 23.48 -2.34 11.33
CA ASP A 78 22.47 -3.38 11.53
C ASP A 78 22.21 -4.10 10.23
N LEU A 79 22.05 -3.31 9.17
CA LEU A 79 21.79 -3.86 7.80
C LEU A 79 22.97 -4.68 7.35
N ASP A 80 24.15 -4.11 7.52
CA ASP A 80 25.36 -4.84 7.06
C ASP A 80 25.58 -6.10 7.90
N ALA A 81 25.16 -6.05 9.19
CA ALA A 81 25.37 -7.15 10.15
C ALA A 81 24.33 -8.27 10.01
N TYR A 82 23.28 -8.06 9.23
CA TYR A 82 22.24 -9.10 9.15
C TYR A 82 22.82 -10.39 8.54
N PRO A 83 22.49 -11.60 9.11
CA PRO A 83 23.25 -12.80 8.56
C PRO A 83 22.81 -13.13 7.15
N ARG A 84 23.75 -13.50 6.30
CA ARG A 84 23.42 -13.81 4.94
C ARG A 84 24.02 -15.19 4.60
N THR A 85 23.18 -16.17 4.24
CA THR A 85 23.67 -17.57 4.05
C THR A 85 22.94 -18.15 2.84
N PRO A 86 23.07 -17.50 1.68
CA PRO A 86 22.12 -17.90 0.65
C PRO A 86 22.33 -19.32 0.11
N ASP A 87 23.58 -19.84 0.18
CA ASP A 87 23.80 -21.21 -0.27
C ASP A 87 23.03 -22.20 0.61
N ASP A 88 23.15 -22.06 1.92
CA ASP A 88 22.41 -22.93 2.82
C ASP A 88 20.91 -22.69 2.58
N ASP A 89 20.49 -21.44 2.33
CA ASP A 89 19.04 -21.16 2.19
C ASP A 89 18.45 -21.90 0.98
N LEU A 90 19.07 -21.75 -0.18
CA LEU A 90 18.60 -22.48 -1.37
C LEU A 90 18.67 -24.02 -1.22
N ALA A 91 19.68 -24.51 -0.53
CA ALA A 91 19.78 -25.96 -0.24
C ALA A 91 18.60 -26.46 0.60
N GLN A 92 18.24 -25.71 1.63
N GLN A 92 18.25 -25.71 1.65
CA GLN A 92 17.11 -26.09 2.43
CA GLN A 92 17.09 -26.05 2.46
C GLN A 92 15.82 -26.07 1.60
C GLN A 92 15.82 -26.07 1.60
N LEU A 93 15.67 -25.09 0.71
CA LEU A 93 14.41 -24.98 -0.10
C LEU A 93 14.32 -26.17 -1.06
N ARG A 94 15.46 -26.52 -1.68
CA ARG A 94 15.51 -27.74 -2.53
C ARG A 94 15.09 -29.00 -1.72
N ALA A 95 15.61 -29.14 -0.49
CA ALA A 95 15.25 -30.31 0.33
C ALA A 95 13.75 -30.36 0.66
N GLU A 96 13.15 -29.20 0.84
CA GLU A 96 11.74 -29.20 1.16
C GLU A 96 10.80 -29.29 -0.03
N GLY A 97 11.32 -29.34 -1.24
CA GLY A 97 10.45 -29.48 -2.39
C GLY A 97 9.84 -28.14 -2.84
N VAL A 98 10.40 -27.01 -2.41
CA VAL A 98 9.85 -25.67 -2.84
C VAL A 98 10.16 -25.49 -4.31
N GLU A 99 9.18 -25.05 -5.10
CA GLU A 99 9.42 -24.84 -6.49
C GLU A 99 9.83 -23.45 -6.91
N ILE A 100 9.51 -22.43 -6.11
CA ILE A 100 9.98 -21.08 -6.50
C ILE A 100 10.69 -20.33 -5.33
N ALA A 101 11.85 -19.77 -5.64
CA ALA A 101 12.49 -18.84 -4.69
C ALA A 101 12.53 -17.50 -5.46
N PHE A 102 12.17 -16.42 -4.78
CA PHE A 102 12.20 -15.14 -5.40
C PHE A 102 13.26 -14.29 -4.66
N THR A 103 14.36 -13.93 -5.33
CA THR A 103 15.52 -13.32 -4.66
C THR A 103 15.81 -11.99 -5.43
N PRO A 104 14.96 -10.96 -5.21
CA PRO A 104 15.16 -9.71 -6.00
C PRO A 104 16.39 -8.90 -5.48
N THR A 105 16.92 -8.05 -6.37
CA THR A 105 17.97 -7.14 -5.98
C THR A 105 17.35 -5.89 -5.31
N THR A 106 18.18 -5.13 -4.58
CA THR A 106 17.67 -3.90 -3.98
C THR A 106 17.23 -2.90 -5.07
N ALA A 107 17.99 -2.83 -6.14
CA ALA A 107 17.65 -1.97 -7.25
C ALA A 107 16.32 -2.35 -7.90
N ALA A 108 15.97 -3.64 -7.94
CA ALA A 108 14.75 -4.01 -8.63
C ALA A 108 13.56 -3.69 -7.72
N MET A 109 13.77 -3.73 -6.39
CA MET A 109 12.67 -3.41 -5.44
C MET A 109 12.52 -1.92 -5.26
N TYR A 110 13.65 -1.15 -5.27
CA TYR A 110 13.62 0.28 -4.93
C TYR A 110 14.38 1.09 -6.03
N PRO A 111 13.89 1.04 -7.27
CA PRO A 111 14.59 1.69 -8.35
C PRO A 111 14.52 3.22 -8.21
N ASP A 112 13.58 3.72 -7.42
CA ASP A 112 13.41 5.17 -7.25
C ASP A 112 13.73 5.59 -5.86
N GLY A 113 14.36 4.66 -5.14
CA GLY A 113 14.62 4.88 -3.71
C GLY A 113 13.33 4.85 -2.88
N LEU A 114 13.38 5.43 -1.70
CA LEU A 114 12.18 5.61 -0.87
C LEU A 114 11.32 6.70 -1.38
N ARG A 115 10.11 6.35 -1.81
CA ARG A 115 9.25 7.39 -2.35
C ARG A 115 7.90 7.14 -1.71
N THR A 116 6.95 6.48 -2.39
CA THR A 116 5.63 6.29 -1.69
C THR A 116 5.90 5.16 -0.63
N THR A 117 5.28 5.26 0.52
CA THR A 117 5.51 4.23 1.55
C THR A 117 4.22 3.94 2.29
N VAL A 118 4.21 2.82 3.03
CA VAL A 118 3.07 2.54 3.89
C VAL A 118 3.29 3.17 5.23
N GLN A 119 2.29 3.89 5.71
CA GLN A 119 2.42 4.41 7.07
C GLN A 119 1.52 3.56 7.99
N PRO A 120 2.11 2.79 8.93
CA PRO A 120 1.24 1.93 9.75
C PRO A 120 0.42 2.78 10.72
N GLY A 121 -0.63 2.20 11.26
CA GLY A 121 -1.36 2.87 12.38
C GLY A 121 -0.49 2.92 13.64
N PRO A 122 -1.08 3.42 14.73
CA PRO A 122 -0.38 3.78 15.98
C PRO A 122 0.32 2.62 16.68
N LEU A 123 -0.10 1.39 16.40
CA LEU A 123 0.59 0.19 16.96
C LEU A 123 2.07 0.15 16.55
N ALA A 124 2.40 0.76 15.40
CA ALA A 124 3.83 0.74 15.00
C ALA A 124 4.74 1.58 15.84
N ALA A 125 4.16 2.47 16.68
CA ALA A 125 5.08 3.28 17.53
C ALA A 125 5.21 2.64 18.92
N GLU A 126 4.66 1.47 19.13
N GLU A 126 4.50 1.52 19.14
CA GLU A 126 4.72 0.91 20.49
CA GLU A 126 4.42 0.73 20.45
C GLU A 126 5.53 -0.35 20.46
C GLU A 126 5.59 -0.28 20.45
N LEU A 127 5.99 -0.76 21.64
CA LEU A 127 6.80 -1.95 21.76
C LEU A 127 8.07 -1.88 20.92
N GLU A 128 8.27 -2.76 19.92
CA GLU A 128 9.51 -2.76 19.12
C GLU A 128 9.63 -1.46 18.35
N GLY A 129 8.49 -0.83 18.07
CA GLY A 129 8.52 0.42 17.25
C GLY A 129 8.87 1.68 18.06
N GLY A 130 8.84 1.60 19.39
CA GLY A 130 9.06 2.81 20.22
C GLY A 130 10.41 3.48 19.89
N PRO A 131 11.53 2.76 20.00
CA PRO A 131 12.79 3.36 19.69
C PRO A 131 13.18 3.30 18.20
N ARG A 132 12.32 2.74 17.34
CA ARG A 132 12.64 2.51 15.92
C ARG A 132 11.37 2.90 15.16
N PRO A 133 11.07 4.21 15.16
CA PRO A 133 9.78 4.73 14.71
C PRO A 133 9.51 4.49 13.22
N THR A 134 10.50 4.20 12.39
CA THR A 134 10.20 3.92 10.97
C THR A 134 10.32 2.43 10.63
N HIS A 135 10.66 1.57 11.60
CA HIS A 135 10.96 0.18 11.31
C HIS A 135 9.73 -0.48 10.63
N PHE A 136 8.54 -0.28 11.21
CA PHE A 136 7.39 -1.07 10.70
C PHE A 136 6.85 -0.49 9.39
N ALA A 137 7.10 0.78 9.11
CA ALA A 137 6.74 1.34 7.78
C ALA A 137 7.62 0.62 6.73
N GLY A 138 8.87 0.34 7.06
CA GLY A 138 9.78 -0.42 6.15
C GLY A 138 9.28 -1.83 5.91
N VAL A 139 8.81 -2.51 6.99
CA VAL A 139 8.30 -3.86 6.83
C VAL A 139 7.00 -3.88 6.03
N LEU A 140 6.07 -2.99 6.36
CA LEU A 140 4.78 -3.11 5.67
C LEU A 140 4.92 -2.66 4.23
N THR A 141 5.84 -1.75 3.97
CA THR A 141 6.03 -1.31 2.57
C THR A 141 6.56 -2.51 1.72
N VAL A 142 7.55 -3.22 2.24
CA VAL A 142 8.09 -4.35 1.50
C VAL A 142 7.05 -5.49 1.39
N VAL A 143 6.25 -5.73 2.42
CA VAL A 143 5.37 -6.85 2.41
C VAL A 143 4.27 -6.50 1.36
N LEU A 144 3.83 -5.23 1.31
CA LEU A 144 2.78 -4.83 0.33
C LEU A 144 3.35 -5.14 -1.07
N LYS A 145 4.59 -4.75 -1.30
CA LYS A 145 5.18 -4.86 -2.66
C LYS A 145 5.27 -6.31 -2.99
N LEU A 146 5.70 -7.19 -2.05
CA LEU A 146 5.84 -8.63 -2.37
C LEU A 146 4.46 -9.20 -2.65
N LEU A 147 3.47 -8.74 -1.90
CA LEU A 147 2.09 -9.24 -2.16
C LEU A 147 1.57 -8.86 -3.55
N GLN A 148 1.90 -7.67 -3.96
CA GLN A 148 1.46 -7.20 -5.31
C GLN A 148 2.22 -7.87 -6.41
N ILE A 149 3.49 -8.19 -6.17
CA ILE A 149 4.33 -8.83 -7.20
C ILE A 149 3.88 -10.29 -7.40
N VAL A 150 3.74 -11.01 -6.29
CA VAL A 150 3.46 -12.47 -6.28
C VAL A 150 1.96 -12.76 -6.37
N ARG A 151 1.12 -11.85 -5.82
CA ARG A 151 -0.36 -12.05 -5.73
C ARG A 151 -0.72 -13.42 -5.21
N PRO A 152 -0.18 -13.80 -4.03
CA PRO A 152 -0.54 -15.12 -3.48
C PRO A 152 -2.01 -15.22 -3.01
N ASP A 153 -2.52 -16.44 -2.96
CA ASP A 153 -3.77 -16.70 -2.19
C ASP A 153 -3.65 -16.58 -0.68
N ARG A 154 -2.52 -17.06 -0.15
CA ARG A 154 -2.27 -17.01 1.26
C ARG A 154 -0.79 -16.65 1.45
N VAL A 155 -0.54 -15.94 2.55
CA VAL A 155 0.82 -15.55 2.93
C VAL A 155 1.06 -16.03 4.37
N PHE A 156 2.28 -16.51 4.62
CA PHE A 156 2.56 -17.23 5.92
C PHE A 156 3.66 -16.47 6.71
N PHE A 157 3.45 -16.27 8.02
CA PHE A 157 4.36 -15.50 8.92
C PHE A 157 4.41 -16.30 10.21
N GLY A 158 5.55 -16.29 10.90
CA GLY A 158 5.67 -16.93 12.22
C GLY A 158 4.93 -16.05 13.27
N GLU A 159 4.44 -16.65 14.36
CA GLU A 159 3.93 -15.87 15.50
C GLU A 159 5.04 -15.28 16.34
N LYS A 160 6.32 -15.65 16.09
CA LYS A 160 7.40 -15.14 16.92
C LYS A 160 7.51 -13.63 16.88
N ASP A 161 7.37 -13.03 15.69
CA ASP A 161 7.31 -11.57 15.66
C ASP A 161 5.84 -11.21 15.64
N TYR A 162 5.20 -11.27 16.81
CA TYR A 162 3.76 -11.20 16.90
C TYR A 162 3.24 -9.80 16.53
N GLN A 163 3.90 -8.77 17.05
CA GLN A 163 3.54 -7.40 16.65
C GLN A 163 3.60 -7.21 15.14
N GLN A 164 4.66 -7.70 14.49
CA GLN A 164 4.71 -7.65 13.03
C GLN A 164 3.51 -8.34 12.36
N LEU A 165 3.14 -9.53 12.85
CA LEU A 165 2.01 -10.30 12.34
C LEU A 165 0.72 -9.48 12.48
N VAL A 166 0.52 -8.87 13.65
CA VAL A 166 -0.74 -8.13 13.83
C VAL A 166 -0.72 -6.96 12.82
N LEU A 167 0.44 -6.30 12.63
CA LEU A 167 0.50 -5.13 11.72
C LEU A 167 0.20 -5.51 10.31
N ILE A 168 0.66 -6.71 9.95
CA ILE A 168 0.38 -7.26 8.64
C ILE A 168 -1.10 -7.54 8.45
N ARG A 169 -1.74 -8.09 9.46
CA ARG A 169 -3.21 -8.24 9.38
C ARG A 169 -3.90 -6.89 9.18
N GLN A 170 -3.34 -5.84 9.85
CA GLN A 170 -3.92 -4.51 9.68
C GLN A 170 -3.76 -3.98 8.28
N LEU A 171 -2.58 -4.24 7.71
CA LEU A 171 -2.30 -3.80 6.35
C LEU A 171 -3.31 -4.45 5.42
N VAL A 172 -3.46 -5.76 5.52
CA VAL A 172 -4.38 -6.56 4.70
C VAL A 172 -5.84 -6.08 4.82
N ALA A 173 -6.31 -5.85 6.05
CA ALA A 173 -7.70 -5.35 6.24
C ALA A 173 -7.82 -3.92 5.70
N ASP A 174 -6.82 -3.06 5.98
CA ASP A 174 -7.03 -1.65 5.80
C ASP A 174 -6.89 -1.29 4.32
N PHE A 175 -6.09 -2.08 3.59
CA PHE A 175 -6.00 -1.79 2.16
C PHE A 175 -6.79 -2.78 1.30
N ASN A 176 -7.70 -3.55 1.92
CA ASN A 176 -8.61 -4.45 1.20
C ASN A 176 -7.87 -5.48 0.36
N LEU A 177 -6.71 -5.93 0.84
CA LEU A 177 -5.93 -6.90 0.09
C LEU A 177 -6.57 -8.26 0.00
N ASP A 178 -6.45 -8.88 -1.19
CA ASP A 178 -7.22 -10.13 -1.34
C ASP A 178 -6.30 -11.32 -1.06
N VAL A 179 -5.95 -11.50 0.22
CA VAL A 179 -4.97 -12.55 0.59
C VAL A 179 -5.29 -12.92 1.97
N ALA A 180 -5.15 -14.19 2.30
CA ALA A 180 -5.41 -14.66 3.63
C ALA A 180 -4.09 -14.71 4.34
N VAL A 181 -4.09 -14.14 5.54
CA VAL A 181 -2.82 -14.17 6.37
C VAL A 181 -2.87 -15.37 7.34
N VAL A 182 -1.83 -16.18 7.29
CA VAL A 182 -1.79 -17.41 8.17
C VAL A 182 -0.65 -17.25 9.13
N GLY A 183 -0.97 -17.30 10.44
CA GLY A 183 0.05 -17.21 11.45
C GLY A 183 0.37 -18.61 11.87
N VAL A 184 1.66 -18.92 11.96
CA VAL A 184 2.14 -20.27 12.29
C VAL A 184 2.85 -20.24 13.66
N PRO A 185 2.52 -21.17 14.56
CA PRO A 185 3.07 -21.12 15.94
C PRO A 185 4.57 -21.22 15.90
N THR A 186 5.18 -20.49 16.84
CA THR A 186 6.65 -20.43 16.93
C THR A 186 7.30 -21.83 17.12
N VAL A 187 8.27 -22.17 16.27
CA VAL A 187 9.02 -23.43 16.41
C VAL A 187 10.07 -23.16 17.44
N ARG A 188 10.29 -24.12 18.34
CA ARG A 188 11.24 -23.86 19.46
C ARG A 188 12.35 -24.95 19.52
N GLU A 189 13.53 -24.62 20.04
CA GLU A 189 14.57 -25.64 20.30
C GLU A 189 14.04 -26.51 21.46
N ALA A 190 14.73 -27.62 21.74
CA ALA A 190 14.21 -28.65 22.69
C ALA A 190 14.01 -28.07 24.10
N ASP A 191 14.73 -27.02 24.44
CA ASP A 191 14.62 -26.39 25.76
C ASP A 191 13.55 -25.30 25.87
N GLY A 192 12.96 -24.96 24.70
CA GLY A 192 11.93 -23.92 24.66
C GLY A 192 12.40 -22.63 23.95
N LEU A 193 13.71 -22.45 23.70
CA LEU A 193 14.19 -21.23 23.05
C LEU A 193 13.53 -20.98 21.69
N ALA A 194 12.92 -19.82 21.47
CA ALA A 194 12.27 -19.57 20.13
C ALA A 194 13.36 -19.64 19.05
N MET A 195 13.12 -20.29 17.92
CA MET A 195 14.05 -20.23 16.78
C MET A 195 14.23 -18.76 16.34
N SER A 196 15.48 -18.38 16.05
CA SER A 196 15.73 -17.06 15.51
C SER A 196 17.06 -17.03 14.77
N SER A 197 17.12 -16.21 13.71
N SER A 197 17.14 -16.24 13.69
CA SER A 197 18.36 -16.01 12.97
CA SER A 197 18.40 -16.08 12.94
C SER A 197 19.40 -15.41 13.90
C SER A 197 19.37 -15.19 13.77
N ARG A 198 18.92 -14.76 14.94
CA ARG A 198 19.80 -14.13 15.89
C ARG A 198 20.41 -15.01 17.03
N ASN A 199 19.90 -16.24 17.20
CA ASN A 199 20.42 -17.16 18.21
C ASN A 199 21.91 -17.51 17.97
N ARG A 200 22.34 -17.45 16.71
CA ARG A 200 23.78 -17.75 16.40
C ARG A 200 24.73 -16.70 17.08
N TYR A 201 24.22 -15.55 17.58
CA TYR A 201 25.08 -14.57 18.25
C TYR A 201 25.14 -14.74 19.76
N LEU A 202 24.57 -15.82 20.25
CA LEU A 202 24.64 -16.18 21.69
C LEU A 202 25.86 -17.06 21.92
N ASP A 203 26.75 -16.63 22.82
CA ASP A 203 27.86 -17.57 23.22
C ASP A 203 27.31 -18.65 24.16
N PRO A 204 28.13 -19.66 24.56
CA PRO A 204 27.57 -20.76 25.36
C PRO A 204 26.85 -20.32 26.65
N ALA A 205 27.37 -19.32 27.32
CA ALA A 205 26.78 -18.86 28.59
C ALA A 205 25.46 -18.20 28.27
N GLN A 206 25.48 -17.32 27.24
CA GLN A 206 24.24 -16.55 26.88
C GLN A 206 23.19 -17.53 26.34
N ARG A 207 23.58 -18.57 25.59
CA ARG A 207 22.58 -19.52 25.12
C ARG A 207 21.92 -20.27 26.30
N ALA A 208 22.73 -20.63 27.32
CA ALA A 208 22.19 -21.24 28.54
C ALA A 208 21.17 -20.32 29.19
N ALA A 209 21.49 -19.06 29.29
CA ALA A 209 20.67 -18.06 29.99
C ALA A 209 19.37 -17.73 29.24
N ALA A 210 19.47 -17.89 27.92
CA ALA A 210 18.37 -17.44 27.00
C ALA A 210 17.09 -18.30 27.19
N VAL A 211 17.23 -19.44 27.82
CA VAL A 211 16.03 -20.30 28.07
C VAL A 211 15.10 -19.54 29.04
N ALA A 212 15.61 -18.52 29.74
CA ALA A 212 14.72 -17.80 30.70
C ALA A 212 13.51 -17.11 30.02
N LEU A 213 13.65 -16.68 28.76
CA LEU A 213 12.52 -16.04 28.13
C LEU A 213 11.32 -16.97 28.02
N SER A 214 11.51 -18.14 27.39
CA SER A 214 10.43 -19.07 27.21
C SER A 214 9.99 -19.68 28.55
N ALA A 215 10.90 -19.85 29.49
CA ALA A 215 10.54 -20.42 30.79
C ALA A 215 9.65 -19.42 31.53
N ALA A 216 9.99 -18.14 31.43
CA ALA A 216 9.24 -17.02 32.04
C ALA A 216 7.79 -17.02 31.45
N LEU A 217 7.72 -17.01 30.11
CA LEU A 217 6.41 -17.01 29.46
C LEU A 217 5.50 -18.21 29.76
N THR A 218 6.02 -19.44 29.73
N THR A 218 6.08 -19.40 29.78
CA THR A 218 5.18 -20.58 30.05
CA THR A 218 5.32 -20.58 30.06
C THR A 218 4.81 -20.52 31.52
C THR A 218 4.91 -20.67 31.53
N ALA A 219 5.77 -20.16 32.39
CA ALA A 219 5.43 -20.02 33.85
C ALA A 219 4.22 -19.04 33.97
N ALA A 220 4.29 -17.92 33.27
CA ALA A 220 3.19 -16.91 33.32
C ALA A 220 1.90 -17.52 32.82
N ALA A 221 1.96 -18.29 31.72
CA ALA A 221 0.71 -18.79 31.12
C ALA A 221 -0.03 -19.74 32.10
N HIS A 222 0.78 -20.48 32.87
CA HIS A 222 0.18 -21.34 33.93
C HIS A 222 -0.27 -20.60 35.21
N ALA A 223 0.53 -19.61 35.63
CA ALA A 223 0.27 -18.69 36.79
C ALA A 223 -1.05 -17.94 36.55
N ALA A 224 -1.45 -17.78 35.27
CA ALA A 224 -2.53 -16.84 34.89
C ALA A 224 -3.89 -17.25 35.45
N THR A 225 -4.01 -18.48 36.00
CA THR A 225 -5.29 -18.84 36.65
C THR A 225 -5.49 -17.96 37.87
N ALA A 226 -4.39 -17.43 38.43
CA ALA A 226 -4.43 -16.60 39.59
C ALA A 226 -4.50 -15.07 39.24
N GLY A 227 -4.59 -14.75 37.96
CA GLY A 227 -4.81 -13.40 37.45
C GLY A 227 -3.58 -12.81 36.82
N ALA A 228 -3.74 -11.57 36.36
CA ALA A 228 -2.72 -10.91 35.56
C ALA A 228 -1.51 -10.55 36.38
N GLN A 229 -1.69 -10.06 37.61
CA GLN A 229 -0.52 -9.71 38.40
C GLN A 229 0.37 -10.94 38.71
N ALA A 230 -0.27 -12.08 39.00
CA ALA A 230 0.45 -13.29 39.28
C ALA A 230 1.23 -13.73 38.05
N ALA A 231 0.60 -13.60 36.88
CA ALA A 231 1.27 -14.11 35.66
C ALA A 231 2.49 -13.25 35.40
N LEU A 232 2.31 -11.92 35.44
CA LEU A 232 3.45 -10.97 35.27
C LEU A 232 4.55 -11.17 36.29
N ASP A 233 4.17 -11.36 37.54
CA ASP A 233 5.18 -11.49 38.60
C ASP A 233 5.92 -12.82 38.46
N ALA A 234 5.23 -13.89 38.07
CA ALA A 234 5.93 -15.17 37.80
C ALA A 234 6.99 -14.97 36.65
N ALA A 235 6.57 -14.35 35.54
CA ALA A 235 7.54 -14.12 34.43
C ALA A 235 8.66 -13.27 34.90
N ARG A 236 8.37 -12.22 35.67
CA ARG A 236 9.45 -11.32 36.14
C ARG A 236 10.45 -12.07 37.03
N ALA A 237 9.93 -12.97 37.85
CA ALA A 237 10.77 -13.74 38.76
C ALA A 237 11.77 -14.64 38.01
N VAL A 238 11.30 -15.30 36.95
CA VAL A 238 12.15 -16.15 36.15
C VAL A 238 13.22 -15.27 35.47
N LEU A 239 12.79 -14.16 34.84
CA LEU A 239 13.77 -13.26 34.12
C LEU A 239 14.82 -12.74 35.11
N ASP A 240 14.37 -12.39 36.30
CA ASP A 240 15.30 -11.93 37.37
C ASP A 240 16.25 -13.00 37.89
N ALA A 241 15.91 -14.28 37.83
CA ALA A 241 16.77 -15.30 38.35
C ALA A 241 17.88 -15.58 37.32
N ALA A 242 17.84 -14.94 36.14
CA ALA A 242 18.69 -15.38 35.01
C ALA A 242 19.92 -14.50 34.85
N PRO A 243 21.14 -15.14 34.83
CA PRO A 243 22.38 -14.33 34.74
C PRO A 243 22.49 -13.63 33.42
N GLY A 244 22.57 -12.32 33.46
CA GLY A 244 22.96 -11.56 32.27
C GLY A 244 21.83 -11.32 31.29
N VAL A 245 20.59 -11.47 31.74
CA VAL A 245 19.44 -11.13 30.90
C VAL A 245 18.97 -9.71 31.25
N ALA A 246 19.06 -8.77 30.31
CA ALA A 246 18.55 -7.42 30.58
C ALA A 246 17.19 -7.23 29.93
N VAL A 247 16.16 -7.10 30.74
CA VAL A 247 14.84 -6.97 30.18
C VAL A 247 14.62 -5.57 29.61
N ASP A 248 14.23 -5.51 28.34
CA ASP A 248 13.79 -4.29 27.69
C ASP A 248 12.29 -4.02 28.01
N TYR A 249 11.38 -4.94 27.66
CA TYR A 249 9.98 -4.80 28.13
C TYR A 249 9.39 -6.21 28.44
N LEU A 250 8.37 -6.23 29.29
CA LEU A 250 7.57 -7.44 29.51
C LEU A 250 6.14 -6.90 29.66
N GLU A 251 5.22 -7.22 28.72
CA GLU A 251 3.93 -6.54 28.72
C GLU A 251 2.87 -7.47 28.33
N LEU A 252 1.77 -7.38 29.02
CA LEU A 252 0.65 -8.24 28.78
C LEU A 252 -0.41 -7.38 28.13
N ARG A 253 -0.79 -7.74 26.91
CA ARG A 253 -1.79 -6.95 26.16
C ARG A 253 -2.93 -7.78 25.69
N ASP A 254 -4.03 -7.15 25.25
CA ASP A 254 -5.08 -7.81 24.50
C ASP A 254 -4.47 -8.50 23.25
N ILE A 255 -5.11 -9.53 22.68
CA ILE A 255 -4.52 -10.24 21.50
C ILE A 255 -4.26 -9.41 20.27
N GLY A 256 -5.07 -8.38 20.03
CA GLY A 256 -4.85 -7.51 18.88
C GLY A 256 -3.84 -6.45 19.18
N LEU A 257 -3.32 -6.42 20.42
CA LEU A 257 -2.33 -5.41 20.87
C LEU A 257 -2.91 -4.00 20.66
N GLY A 258 -4.23 -3.87 20.45
CA GLY A 258 -4.85 -2.55 20.01
C GLY A 258 -5.24 -1.69 21.21
N PRO A 259 -6.05 -0.63 20.96
CA PRO A 259 -6.52 0.28 21.99
C PRO A 259 -7.71 -0.31 22.77
N MET A 260 -7.53 -1.50 23.32
CA MET A 260 -8.55 -2.10 24.17
C MET A 260 -7.85 -2.76 25.36
N PRO A 261 -8.52 -2.72 26.53
CA PRO A 261 -7.95 -3.39 27.71
C PRO A 261 -7.92 -4.90 27.52
N LEU A 262 -7.04 -5.56 28.27
CA LEU A 262 -7.08 -7.03 28.34
C LEU A 262 -8.43 -7.48 28.89
N ASN A 263 -9.04 -8.45 28.22
CA ASN A 263 -10.18 -9.23 28.76
C ASN A 263 -9.74 -10.66 29.20
N GLY A 264 -10.38 -11.69 28.63
CA GLY A 264 -10.04 -13.09 28.91
C GLY A 264 -8.79 -13.60 28.18
N SER A 265 -8.53 -13.06 26.99
CA SER A 265 -7.39 -13.50 26.16
C SER A 265 -6.37 -12.42 25.98
N GLY A 266 -5.11 -12.81 26.20
CA GLY A 266 -4.01 -11.85 26.20
C GLY A 266 -2.85 -12.45 25.39
N ARG A 267 -1.93 -11.53 25.11
CA ARG A 267 -0.60 -11.92 24.63
C ARG A 267 0.40 -11.31 25.55
N LEU A 268 1.34 -12.16 26.03
CA LEU A 268 2.40 -11.71 26.88
C LEU A 268 3.65 -11.67 26.01
N LEU A 269 4.25 -10.50 25.99
CA LEU A 269 5.40 -10.22 25.11
C LEU A 269 6.60 -9.85 25.90
N VAL A 270 7.75 -10.41 25.49
CA VAL A 270 8.99 -10.03 26.15
C VAL A 270 10.09 -9.68 25.15
N ALA A 271 10.92 -8.69 25.46
CA ALA A 271 12.15 -8.41 24.73
C ALA A 271 13.29 -8.25 25.74
N ALA A 272 14.44 -8.86 25.47
CA ALA A 272 15.51 -8.81 26.45
C ALA A 272 16.85 -8.88 25.72
N ARG A 273 17.90 -8.36 26.34
CA ARG A 273 19.23 -8.34 25.71
C ARG A 273 20.13 -9.27 26.47
N LEU A 274 20.85 -10.09 25.70
CA LEU A 274 21.88 -10.93 26.24
C LEU A 274 23.16 -10.45 25.61
N GLY A 275 23.94 -9.65 26.33
CA GLY A 275 25.12 -8.96 25.65
C GLY A 275 24.59 -8.00 24.60
N THR A 276 24.98 -8.18 23.35
CA THR A 276 24.51 -7.26 22.30
C THR A 276 23.30 -7.83 21.53
N THR A 277 22.95 -9.07 21.86
CA THR A 277 21.87 -9.78 21.16
C THR A 277 20.47 -9.51 21.79
N ARG A 278 19.58 -8.94 21.02
CA ARG A 278 18.21 -8.65 21.53
C ARG A 278 17.32 -9.86 21.08
N LEU A 279 16.69 -10.50 22.07
CA LEU A 279 15.82 -11.67 21.82
C LEU A 279 14.35 -11.29 22.09
N LEU A 280 13.41 -11.82 21.34
CA LEU A 280 11.95 -11.53 21.56
C LEU A 280 11.27 -12.87 21.77
N ASP A 281 10.15 -12.89 22.51
CA ASP A 281 9.36 -14.10 22.51
C ASP A 281 7.99 -13.62 22.95
N ASN A 282 7.01 -14.48 22.78
CA ASN A 282 5.60 -14.11 23.20
C ASN A 282 4.78 -15.39 23.35
N ILE A 283 3.67 -15.29 24.11
CA ILE A 283 2.78 -16.42 24.22
C ILE A 283 1.33 -15.97 24.44
N ALA A 284 0.42 -16.87 24.08
CA ALA A 284 -1.03 -16.70 24.36
C ALA A 284 -1.24 -16.88 25.86
N ILE A 285 -2.06 -16.01 26.44
CA ILE A 285 -2.33 -16.09 27.89
C ILE A 285 -3.86 -16.04 28.03
N GLU A 286 -4.39 -16.88 28.91
CA GLU A 286 -5.83 -16.93 29.22
C GLU A 286 -5.96 -16.55 30.70
N ILE A 287 -6.69 -15.49 31.02
CA ILE A 287 -6.71 -15.01 32.40
C ILE A 287 -7.86 -15.69 33.20
N GLY A 288 -7.60 -16.21 34.41
CA GLY A 288 -8.67 -16.88 35.23
C GLY A 288 -9.25 -18.17 34.64
N THR A 289 -8.42 -18.91 33.89
CA THR A 289 -8.93 -19.74 32.74
C THR A 289 -7.81 -20.53 32.05
N MET B 1 -19.70 -19.09 -1.18
CA MET B 1 -21.11 -18.59 -1.31
C MET B 1 -21.32 -17.98 -2.71
N ALA B 2 -22.56 -17.60 -2.99
CA ALA B 2 -23.06 -17.09 -4.26
C ALA B 2 -22.46 -15.73 -4.66
N ILE B 3 -22.17 -15.56 -5.95
CA ILE B 3 -21.81 -14.24 -6.53
C ILE B 3 -23.09 -13.39 -6.44
N PRO B 4 -22.99 -12.11 -6.06
CA PRO B 4 -24.23 -11.28 -6.10
C PRO B 4 -24.80 -11.22 -7.50
N ALA B 5 -26.09 -10.94 -7.61
CA ALA B 5 -26.74 -10.81 -8.93
C ALA B 5 -26.11 -9.69 -9.80
N PHE B 6 -25.77 -9.99 -11.05
CA PHE B 6 -25.35 -9.01 -12.05
C PHE B 6 -26.17 -9.16 -13.33
N HIS B 7 -26.89 -8.11 -13.72
CA HIS B 7 -27.71 -8.13 -14.93
C HIS B 7 -27.01 -7.37 -16.05
N PRO B 8 -26.43 -8.12 -17.01
CA PRO B 8 -25.69 -7.53 -18.12
C PRO B 8 -26.53 -6.55 -18.87
N GLY B 9 -25.92 -5.45 -19.31
CA GLY B 9 -26.59 -4.40 -20.10
C GLY B 9 -27.52 -3.47 -19.32
N GLU B 10 -27.48 -3.56 -17.98
CA GLU B 10 -28.26 -2.67 -17.11
C GLU B 10 -27.34 -2.03 -16.05
N LEU B 11 -27.79 -0.97 -15.38
CA LEU B 11 -27.00 -0.40 -14.30
C LEU B 11 -27.18 -1.22 -13.02
N ASN B 12 -26.11 -1.86 -12.56
CA ASN B 12 -26.11 -2.59 -11.28
C ASN B 12 -25.42 -1.83 -10.16
N VAL B 13 -26.11 -1.60 -9.04
CA VAL B 13 -25.53 -0.76 -8.00
C VAL B 13 -25.18 -1.63 -6.81
N TYR B 14 -23.93 -1.52 -6.31
CA TYR B 14 -23.49 -2.27 -5.12
C TYR B 14 -22.89 -1.29 -4.15
N SER B 15 -23.25 -1.41 -2.87
N SER B 15 -23.25 -1.47 -2.91
CA SER B 15 -22.60 -0.56 -1.84
CA SER B 15 -22.71 -0.62 -1.86
C SER B 15 -21.68 -1.37 -0.95
C SER B 15 -21.65 -1.38 -1.10
N ALA B 16 -21.73 -2.71 -1.02
CA ALA B 16 -20.79 -3.48 -0.19
C ALA B 16 -19.51 -3.71 -0.96
N PRO B 17 -18.33 -3.36 -0.39
CA PRO B 17 -17.08 -3.67 -1.08
C PRO B 17 -16.95 -5.14 -1.47
N GLY B 18 -17.31 -6.11 -0.60
CA GLY B 18 -17.16 -7.49 -1.00
C GLY B 18 -18.05 -7.84 -2.18
N ASP B 19 -19.21 -7.21 -2.28
CA ASP B 19 -20.09 -7.51 -3.41
C ASP B 19 -19.48 -7.08 -4.75
N VAL B 20 -19.07 -5.81 -4.85
CA VAL B 20 -18.44 -5.40 -6.12
C VAL B 20 -17.14 -6.18 -6.41
N ALA B 21 -16.39 -6.53 -5.37
CA ALA B 21 -15.19 -7.35 -5.53
C ALA B 21 -15.55 -8.69 -6.19
N ASP B 22 -16.60 -9.33 -5.65
CA ASP B 22 -17.04 -10.64 -6.16
C ASP B 22 -17.56 -10.59 -7.57
N VAL B 23 -18.40 -9.60 -7.89
CA VAL B 23 -18.87 -9.40 -9.25
C VAL B 23 -17.72 -9.05 -10.22
N SER B 24 -16.82 -8.18 -9.79
CA SER B 24 -15.70 -7.82 -10.65
C SER B 24 -14.84 -9.07 -10.99
N ARG B 25 -14.47 -9.86 -9.97
CA ARG B 25 -13.76 -11.13 -10.19
C ARG B 25 -14.53 -12.04 -11.15
N ALA B 26 -15.81 -12.29 -10.86
CA ALA B 26 -16.64 -13.09 -11.77
C ALA B 26 -16.65 -12.56 -13.22
N LEU B 27 -16.78 -11.24 -13.40
CA LEU B 27 -16.79 -10.69 -14.75
C LEU B 27 -15.46 -10.86 -15.50
N ARG B 28 -14.36 -10.58 -14.84
CA ARG B 28 -13.04 -10.78 -15.41
C ARG B 28 -12.84 -12.25 -15.88
N LEU B 29 -13.41 -13.21 -15.12
CA LEU B 29 -13.32 -14.66 -15.46
C LEU B 29 -14.14 -15.01 -16.68
N THR B 30 -15.13 -14.18 -16.98
CA THR B 30 -16.03 -14.28 -18.10
C THR B 30 -15.46 -13.72 -19.38
N GLY B 31 -14.29 -13.07 -19.32
CA GLY B 31 -13.78 -12.37 -20.51
C GLY B 31 -14.17 -10.90 -20.64
N ARG B 32 -14.39 -10.20 -19.51
CA ARG B 32 -14.57 -8.76 -19.58
C ARG B 32 -13.30 -8.10 -19.08
N ARG B 33 -12.99 -6.91 -19.57
CA ARG B 33 -11.91 -6.13 -18.96
C ARG B 33 -12.54 -5.05 -18.09
N VAL B 34 -12.18 -5.02 -16.81
CA VAL B 34 -12.88 -4.16 -15.83
C VAL B 34 -12.19 -2.79 -15.84
N MET B 35 -12.97 -1.72 -16.05
CA MET B 35 -12.41 -0.37 -16.16
C MET B 35 -12.94 0.39 -14.96
N LEU B 36 -12.10 1.10 -14.20
CA LEU B 36 -12.59 1.85 -13.06
C LEU B 36 -12.54 3.33 -13.28
N VAL B 37 -13.64 4.03 -12.93
CA VAL B 37 -13.65 5.50 -13.02
C VAL B 37 -14.02 6.00 -11.65
N PRO B 38 -13.04 6.50 -10.90
CA PRO B 38 -13.39 6.86 -9.51
C PRO B 38 -13.88 8.33 -9.48
N THR B 39 -14.93 8.53 -8.73
CA THR B 39 -15.58 9.89 -8.66
C THR B 39 -16.07 10.18 -7.28
N MET B 40 -16.48 11.44 -7.06
CA MET B 40 -17.15 11.75 -5.80
C MET B 40 -18.60 12.18 -6.04
N GLY B 41 -19.16 11.74 -7.14
CA GLY B 41 -20.56 12.03 -7.46
C GLY B 41 -20.73 13.47 -7.98
N ALA B 42 -21.98 13.98 -8.05
CA ALA B 42 -22.26 15.27 -8.70
C ALA B 42 -21.60 15.29 -10.08
N LEU B 43 -21.95 14.29 -10.91
CA LEU B 43 -21.12 14.01 -12.11
C LEU B 43 -21.35 15.10 -13.18
N HIS B 44 -20.26 15.46 -13.86
CA HIS B 44 -20.32 16.43 -14.94
C HIS B 44 -19.73 15.88 -16.24
N GLU B 45 -19.63 16.71 -17.27
CA GLU B 45 -19.22 16.23 -18.58
C GLU B 45 -17.80 15.69 -18.56
N GLY B 46 -17.00 16.22 -17.67
CA GLY B 46 -15.65 15.66 -17.50
C GLY B 46 -15.69 14.21 -17.03
N HIS B 47 -16.54 13.91 -16.04
CA HIS B 47 -16.74 12.49 -15.63
C HIS B 47 -17.24 11.64 -16.80
N LEU B 48 -18.20 12.18 -17.57
CA LEU B 48 -18.71 11.42 -18.70
C LEU B 48 -17.63 11.13 -19.71
N ALA B 49 -16.68 12.07 -19.88
CA ALA B 49 -15.52 11.83 -20.78
C ALA B 49 -14.64 10.66 -20.26
N LEU B 50 -14.51 10.56 -18.93
CA LEU B 50 -13.79 9.35 -18.41
C LEU B 50 -14.56 8.07 -18.74
N VAL B 51 -15.88 8.11 -18.59
CA VAL B 51 -16.71 6.95 -18.84
C VAL B 51 -16.65 6.55 -20.28
N ARG B 52 -16.71 7.53 -21.15
CA ARG B 52 -16.68 7.21 -22.56
C ARG B 52 -15.38 6.64 -23.00
N ALA B 53 -14.27 7.17 -22.43
CA ALA B 53 -12.92 6.61 -22.66
C ALA B 53 -12.85 5.13 -22.24
N ALA B 54 -13.39 4.83 -21.07
CA ALA B 54 -13.38 3.46 -20.56
C ALA B 54 -14.26 2.48 -21.40
N LYS B 55 -15.45 2.94 -21.79
CA LYS B 55 -16.39 2.08 -22.53
C LYS B 55 -15.85 1.65 -23.83
N ARG B 56 -14.95 2.43 -24.39
CA ARG B 56 -14.60 2.08 -25.76
C ARG B 56 -13.55 0.98 -25.87
N VAL B 57 -12.96 0.60 -24.73
CA VAL B 57 -12.02 -0.51 -24.72
C VAL B 57 -12.83 -1.84 -25.04
N PRO B 58 -12.41 -2.64 -26.07
CA PRO B 58 -13.27 -3.82 -26.37
C PRO B 58 -13.36 -4.77 -25.19
N GLY B 59 -14.56 -5.26 -24.98
CA GLY B 59 -14.74 -6.14 -23.83
C GLY B 59 -14.92 -5.47 -22.48
N SER B 60 -14.99 -4.12 -22.46
CA SER B 60 -14.97 -3.39 -21.18
C SER B 60 -16.28 -3.65 -20.41
N VAL B 61 -16.17 -3.72 -19.07
CA VAL B 61 -17.29 -3.43 -18.22
C VAL B 61 -16.82 -2.27 -17.37
N VAL B 62 -17.70 -1.26 -17.28
CA VAL B 62 -17.32 -0.04 -16.63
C VAL B 62 -17.84 0.00 -15.22
N VAL B 63 -16.90 0.19 -14.27
CA VAL B 63 -17.21 0.39 -12.86
C VAL B 63 -17.03 1.89 -12.54
N VAL B 64 -18.11 2.57 -12.15
CA VAL B 64 -17.91 3.96 -11.66
C VAL B 64 -18.10 3.98 -10.19
N SER B 65 -17.06 4.41 -9.44
CA SER B 65 -17.24 4.51 -7.98
C SER B 65 -17.68 5.92 -7.62
N ILE B 66 -18.50 6.01 -6.57
CA ILE B 66 -18.99 7.34 -6.11
C ILE B 66 -18.80 7.24 -4.61
N PHE B 67 -17.80 7.96 -4.14
CA PHE B 67 -17.41 7.93 -2.74
C PHE B 67 -16.87 9.29 -2.37
N VAL B 68 -17.58 9.93 -1.44
CA VAL B 68 -17.08 11.21 -0.90
C VAL B 68 -16.15 10.91 0.25
N ASN B 69 -14.85 11.21 0.10
N ASN B 69 -14.86 11.25 0.07
CA ASN B 69 -13.86 10.76 1.07
CA ASN B 69 -13.81 10.99 1.07
C ASN B 69 -13.57 11.79 2.17
C ASN B 69 -13.98 11.99 2.20
N PRO B 70 -13.97 11.50 3.45
CA PRO B 70 -13.85 12.49 4.56
C PRO B 70 -12.36 12.90 4.79
N MET B 71 -11.44 11.92 4.60
CA MET B 71 -9.97 12.12 4.58
C MET B 71 -9.46 12.19 3.13
N PRO B 86 -27.17 12.11 -6.95
CA PRO B 86 -27.35 10.72 -6.43
C PRO B 86 -28.33 9.92 -7.30
N ASP B 87 -29.60 10.35 -7.33
CA ASP B 87 -30.58 9.83 -8.27
C ASP B 87 -30.16 10.35 -9.62
N ASP B 88 -29.75 11.62 -9.62
CA ASP B 88 -29.28 12.19 -10.86
C ASP B 88 -28.03 11.52 -11.40
N ASP B 89 -27.06 11.28 -10.52
CA ASP B 89 -25.83 10.55 -10.93
C ASP B 89 -26.15 9.22 -11.54
N LEU B 90 -26.98 8.42 -10.88
CA LEU B 90 -27.31 7.10 -11.42
C LEU B 90 -28.01 7.19 -12.79
N ALA B 91 -28.90 8.16 -12.94
CA ALA B 91 -29.54 8.41 -14.21
C ALA B 91 -28.54 8.76 -15.32
N GLN B 92 -27.56 9.60 -15.03
CA GLN B 92 -26.53 9.85 -16.04
C GLN B 92 -25.75 8.57 -16.38
N LEU B 93 -25.42 7.77 -15.37
CA LEU B 93 -24.63 6.55 -15.70
C LEU B 93 -25.45 5.53 -16.53
N ARG B 94 -26.74 5.36 -16.19
CA ARG B 94 -27.68 4.55 -16.98
C ARG B 94 -27.73 5.07 -18.46
N ALA B 95 -27.80 6.40 -18.63
CA ALA B 95 -27.84 7.03 -19.97
C ALA B 95 -26.51 6.78 -20.74
N GLU B 96 -25.41 6.57 -20.00
CA GLU B 96 -24.11 6.27 -20.62
C GLU B 96 -23.87 4.78 -20.90
N GLY B 97 -24.78 3.93 -20.46
CA GLY B 97 -24.66 2.48 -20.61
C GLY B 97 -23.65 1.85 -19.64
N VAL B 98 -23.35 2.54 -18.55
CA VAL B 98 -22.47 1.97 -17.51
C VAL B 98 -23.17 0.80 -16.79
N GLU B 99 -22.47 -0.32 -16.59
CA GLU B 99 -23.12 -1.47 -15.93
C GLU B 99 -22.91 -1.63 -14.43
N ILE B 100 -21.91 -0.94 -13.84
CA ILE B 100 -21.70 -1.06 -12.39
C ILE B 100 -21.41 0.32 -11.76
N ALA B 101 -22.19 0.62 -10.70
CA ALA B 101 -21.93 1.77 -9.82
C ALA B 101 -21.57 1.20 -8.47
N PHE B 102 -20.45 1.66 -7.90
CA PHE B 102 -20.02 1.22 -6.59
C PHE B 102 -20.19 2.42 -5.65
N THR B 103 -21.12 2.35 -4.67
CA THR B 103 -21.50 3.46 -3.81
C THR B 103 -21.37 3.08 -2.34
N PRO B 104 -20.14 2.95 -1.81
CA PRO B 104 -20.02 2.47 -0.43
C PRO B 104 -20.24 3.61 0.58
N THR B 105 -20.61 3.23 1.81
CA THR B 105 -20.65 4.17 2.92
C THR B 105 -19.26 4.44 3.46
N THR B 106 -19.12 5.56 4.19
CA THR B 106 -17.84 5.82 4.87
C THR B 106 -17.48 4.61 5.79
N ALA B 107 -18.48 4.08 6.50
CA ALA B 107 -18.22 2.94 7.43
C ALA B 107 -17.71 1.63 6.72
N ALA B 108 -18.21 1.40 5.50
CA ALA B 108 -17.85 0.21 4.74
C ALA B 108 -16.38 0.39 4.28
N MET B 109 -16.02 1.63 3.96
CA MET B 109 -14.62 1.90 3.49
C MET B 109 -13.63 1.89 4.65
N TYR B 110 -14.08 2.38 5.81
CA TYR B 110 -13.21 2.52 6.94
C TYR B 110 -13.82 1.81 8.22
N PRO B 111 -14.03 0.50 8.13
CA PRO B 111 -14.73 -0.22 9.24
C PRO B 111 -13.90 -0.17 10.52
N ASP B 112 -12.58 0.02 10.40
CA ASP B 112 -11.70 0.13 11.61
C ASP B 112 -11.19 1.55 11.88
N GLY B 113 -11.85 2.51 11.27
CA GLY B 113 -11.42 3.88 11.24
C GLY B 113 -10.13 4.11 10.46
N LEU B 114 -9.52 5.24 10.73
CA LEU B 114 -8.28 5.58 10.05
C LEU B 114 -7.13 4.81 10.73
N ARG B 115 -6.35 4.05 9.98
CA ARG B 115 -5.33 3.23 10.67
C ARG B 115 -4.09 3.15 9.73
N THR B 116 -3.97 2.09 8.91
CA THR B 116 -2.86 2.04 7.94
C THR B 116 -3.21 3.03 6.79
N THR B 117 -2.26 3.87 6.41
CA THR B 117 -2.55 4.83 5.32
C THR B 117 -1.35 4.85 4.36
N VAL B 118 -1.54 5.49 3.21
CA VAL B 118 -0.41 5.62 2.28
C VAL B 118 0.26 6.98 2.56
N GLN B 119 1.59 6.98 2.58
CA GLN B 119 2.39 8.20 2.71
C GLN B 119 3.03 8.51 1.34
N PRO B 120 2.56 9.58 0.67
CA PRO B 120 3.21 9.90 -0.61
C PRO B 120 4.67 10.31 -0.43
N GLY B 121 5.39 10.22 -1.54
CA GLY B 121 6.75 10.81 -1.67
C GLY B 121 6.76 12.34 -1.57
N PRO B 122 7.95 12.93 -1.65
CA PRO B 122 8.19 14.36 -1.33
C PRO B 122 7.44 15.31 -2.32
N LEU B 123 7.04 14.80 -3.49
CA LEU B 123 6.26 15.59 -4.44
C LEU B 123 4.96 16.08 -3.79
N ALA B 124 4.39 15.27 -2.86
CA ALA B 124 3.12 15.68 -2.19
C ALA B 124 3.23 16.95 -1.31
N ALA B 125 4.46 17.35 -0.99
CA ALA B 125 4.76 18.49 -0.10
C ALA B 125 4.89 19.77 -0.97
N GLU B 126 4.92 19.62 -2.30
CA GLU B 126 5.12 20.78 -3.19
C GLU B 126 3.78 21.23 -3.76
N LEU B 127 3.74 22.44 -4.34
CA LEU B 127 2.56 22.85 -5.13
C LEU B 127 1.23 22.81 -4.31
N GLU B 128 0.30 21.91 -4.59
CA GLU B 128 -0.94 21.85 -3.82
C GLU B 128 -0.71 21.41 -2.39
N GLY B 129 0.40 20.68 -2.19
CA GLY B 129 0.70 20.11 -0.85
C GLY B 129 1.34 21.12 0.05
N GLY B 130 1.68 22.28 -0.51
CA GLY B 130 2.30 23.36 0.25
C GLY B 130 1.64 23.63 1.60
N PRO B 131 0.46 24.29 1.59
CA PRO B 131 -0.14 24.74 2.86
C PRO B 131 -0.76 23.62 3.73
N ARG B 132 -0.92 22.40 3.19
CA ARG B 132 -1.43 21.26 3.99
C ARG B 132 -0.84 19.92 3.54
N PRO B 133 0.32 19.57 4.11
CA PRO B 133 1.12 18.43 3.63
C PRO B 133 0.49 17.01 3.76
N THR B 134 -0.73 16.89 4.29
CA THR B 134 -1.40 15.56 4.36
C THR B 134 -2.59 15.36 3.37
N HIS B 135 -2.85 16.32 2.51
CA HIS B 135 -4.00 16.20 1.61
C HIS B 135 -3.94 14.98 0.60
N PHE B 136 -2.79 14.81 -0.01
CA PHE B 136 -2.73 13.73 -0.94
C PHE B 136 -2.67 12.32 -0.26
N ALA B 137 -2.35 12.26 1.04
CA ALA B 137 -2.30 10.98 1.73
C ALA B 137 -3.72 10.44 1.68
N GLY B 138 -4.72 11.32 1.94
CA GLY B 138 -6.13 10.87 1.91
C GLY B 138 -6.54 10.27 0.55
N VAL B 139 -6.24 11.04 -0.49
CA VAL B 139 -6.52 10.59 -1.88
C VAL B 139 -5.85 9.26 -2.23
N LEU B 140 -4.57 9.14 -1.98
CA LEU B 140 -3.81 7.96 -2.37
C LEU B 140 -4.25 6.73 -1.59
N THR B 141 -4.62 6.94 -0.32
CA THR B 141 -5.24 5.86 0.49
C THR B 141 -6.53 5.35 -0.08
N VAL B 142 -7.48 6.23 -0.42
N VAL B 142 -7.46 6.26 -0.42
CA VAL B 142 -8.74 5.75 -0.98
CA VAL B 142 -8.73 5.85 -1.00
C VAL B 142 -8.55 5.16 -2.37
C VAL B 142 -8.56 5.19 -2.37
N VAL B 143 -7.73 5.81 -3.20
CA VAL B 143 -7.44 5.23 -4.56
C VAL B 143 -6.85 3.83 -4.41
N LEU B 144 -5.94 3.63 -3.47
CA LEU B 144 -5.40 2.28 -3.33
C LEU B 144 -6.44 1.27 -2.91
N LYS B 145 -7.33 1.64 -2.00
CA LYS B 145 -8.41 0.78 -1.54
C LYS B 145 -9.35 0.48 -2.70
N LEU B 146 -9.69 1.48 -3.51
CA LEU B 146 -10.62 1.22 -4.64
C LEU B 146 -9.97 0.29 -5.65
N LEU B 147 -8.66 0.49 -5.93
CA LEU B 147 -8.00 -0.45 -6.77
C LEU B 147 -8.00 -1.91 -6.27
N GLN B 148 -7.86 -2.09 -4.96
CA GLN B 148 -7.77 -3.47 -4.44
C GLN B 148 -9.13 -4.11 -4.39
N ILE B 149 -10.18 -3.31 -4.13
CA ILE B 149 -11.55 -3.84 -4.11
C ILE B 149 -12.03 -4.22 -5.49
N VAL B 150 -11.80 -3.33 -6.44
CA VAL B 150 -12.40 -3.52 -7.79
C VAL B 150 -11.41 -4.33 -8.64
N ARG B 151 -10.11 -4.21 -8.40
CA ARG B 151 -9.08 -4.88 -9.28
C ARG B 151 -9.29 -4.66 -10.79
N PRO B 152 -9.24 -3.41 -11.21
CA PRO B 152 -9.48 -3.12 -12.59
C PRO B 152 -8.25 -3.38 -13.42
N ASP B 153 -8.46 -3.65 -14.71
CA ASP B 153 -7.37 -3.60 -15.70
C ASP B 153 -6.82 -2.18 -15.95
N ARG B 154 -7.72 -1.18 -15.90
CA ARG B 154 -7.31 0.18 -16.16
C ARG B 154 -8.16 1.07 -15.25
N VAL B 155 -7.54 2.18 -14.86
CA VAL B 155 -8.20 3.16 -14.04
C VAL B 155 -8.04 4.52 -14.72
N PHE B 156 -9.12 5.28 -14.81
CA PHE B 156 -9.21 6.53 -15.64
C PHE B 156 -9.37 7.77 -14.75
N PHE B 157 -8.44 8.71 -14.90
CA PHE B 157 -8.56 9.99 -14.19
C PHE B 157 -8.47 11.15 -15.22
N GLY B 158 -9.01 12.32 -14.88
CA GLY B 158 -8.79 13.53 -15.69
C GLY B 158 -7.42 14.11 -15.40
N GLU B 159 -6.86 14.85 -16.37
CA GLU B 159 -5.56 15.47 -16.20
C GLU B 159 -5.70 16.77 -15.40
N LYS B 160 -6.92 17.08 -14.99
CA LYS B 160 -7.10 18.34 -14.28
C LYS B 160 -6.31 18.39 -13.01
N ASP B 161 -6.38 17.34 -12.21
CA ASP B 161 -5.55 17.45 -11.03
C ASP B 161 -4.25 16.70 -11.37
N TYR B 162 -3.38 17.38 -12.05
CA TYR B 162 -2.20 16.73 -12.63
C TYR B 162 -1.20 16.24 -11.56
N GLN B 163 -0.96 17.05 -10.54
CA GLN B 163 -0.13 16.61 -9.46
C GLN B 163 -0.66 15.30 -8.84
N GLN B 164 -1.96 15.28 -8.53
CA GLN B 164 -2.61 14.06 -8.09
C GLN B 164 -2.30 12.91 -9.03
N LEU B 165 -2.53 13.10 -10.31
CA LEU B 165 -2.35 12.07 -11.27
C LEU B 165 -0.88 11.51 -11.26
N VAL B 166 0.10 12.39 -11.14
CA VAL B 166 1.53 11.94 -11.12
C VAL B 166 1.72 11.14 -9.82
N LEU B 167 1.13 11.63 -8.74
CA LEU B 167 1.29 10.89 -7.45
C LEU B 167 0.69 9.49 -7.56
N ILE B 168 -0.47 9.33 -8.25
CA ILE B 168 -1.07 8.01 -8.46
C ILE B 168 -0.17 7.10 -9.30
N ARG B 169 0.42 7.67 -10.37
CA ARG B 169 1.42 6.89 -11.12
CA ARG B 169 1.41 6.90 -11.13
C ARG B 169 2.59 6.46 -10.22
N GLN B 170 3.02 7.33 -9.29
CA GLN B 170 4.06 6.95 -8.36
C GLN B 170 3.61 5.81 -7.43
N LEU B 171 2.40 5.89 -6.89
CA LEU B 171 1.85 4.84 -6.06
C LEU B 171 1.86 3.49 -6.81
N VAL B 172 1.40 3.49 -8.09
CA VAL B 172 1.31 2.28 -8.87
C VAL B 172 2.68 1.70 -9.10
N ALA B 173 3.63 2.54 -9.41
CA ALA B 173 5.01 2.03 -9.67
C ALA B 173 5.62 1.51 -8.36
N ASP B 174 5.53 2.34 -7.33
CA ASP B 174 6.18 2.09 -6.05
C ASP B 174 5.65 0.86 -5.33
N PHE B 175 4.33 0.61 -5.47
CA PHE B 175 3.75 -0.56 -4.82
C PHE B 175 3.53 -1.72 -5.78
N ASN B 176 4.08 -1.63 -7.02
CA ASN B 176 4.04 -2.78 -7.96
C ASN B 176 2.58 -3.20 -8.30
N LEU B 177 1.70 -2.19 -8.42
CA LEU B 177 0.27 -2.51 -8.66
C LEU B 177 0.07 -2.92 -10.12
N ASP B 178 -0.85 -3.88 -10.31
N ASP B 178 -0.78 -3.86 -10.46
CA ASP B 178 -1.13 -4.41 -11.68
CA ASP B 178 -0.69 -4.23 -11.93
C ASP B 178 -2.37 -3.76 -12.27
C ASP B 178 -1.60 -3.50 -12.95
N VAL B 179 -2.26 -2.46 -12.48
CA VAL B 179 -3.26 -1.68 -13.20
C VAL B 179 -2.58 -0.67 -14.11
N ALA B 180 -3.21 -0.36 -15.22
CA ALA B 180 -2.75 0.70 -16.12
C ALA B 180 -3.49 2.01 -15.72
N VAL B 181 -2.79 3.14 -15.60
CA VAL B 181 -3.40 4.45 -15.20
C VAL B 181 -3.56 5.24 -16.49
N VAL B 182 -4.79 5.63 -16.78
CA VAL B 182 -5.05 6.34 -18.07
C VAL B 182 -5.45 7.76 -17.68
N GLY B 183 -4.68 8.73 -18.18
CA GLY B 183 -5.02 10.15 -17.95
C GLY B 183 -5.81 10.65 -19.17
N VAL B 184 -6.95 11.29 -18.93
CA VAL B 184 -7.86 11.70 -20.03
C VAL B 184 -7.76 13.23 -20.07
N PRO B 185 -7.60 13.83 -21.28
CA PRO B 185 -7.52 15.30 -21.32
C PRO B 185 -8.70 16.00 -20.63
N THR B 186 -8.36 17.09 -19.96
CA THR B 186 -9.37 17.84 -19.17
C THR B 186 -10.46 18.39 -20.12
N VAL B 187 -11.73 18.13 -19.80
CA VAL B 187 -12.82 18.71 -20.48
C VAL B 187 -12.95 20.20 -20.01
N ARG B 188 -13.24 21.06 -20.99
CA ARG B 188 -13.24 22.53 -20.68
C ARG B 188 -14.54 23.15 -21.16
N GLU B 189 -14.91 24.26 -20.53
N GLU B 189 -14.90 24.26 -20.54
CA GLU B 189 -16.03 25.08 -21.01
CA GLU B 189 -16.05 25.04 -21.00
C GLU B 189 -15.64 25.72 -22.35
C GLU B 189 -15.64 25.74 -22.32
N ALA B 190 -16.64 26.32 -23.01
CA ALA B 190 -16.42 26.84 -24.34
C ALA B 190 -15.26 27.85 -24.46
N ASP B 191 -15.06 28.64 -23.42
CA ASP B 191 -13.95 29.64 -23.45
C ASP B 191 -12.58 29.13 -22.95
N GLY B 192 -12.53 27.83 -22.59
CA GLY B 192 -11.30 27.25 -22.14
C GLY B 192 -11.28 26.92 -20.65
N LEU B 193 -12.17 27.49 -19.85
CA LEU B 193 -12.06 27.22 -18.41
C LEU B 193 -12.21 25.73 -18.09
N ALA B 194 -11.31 25.21 -17.27
CA ALA B 194 -11.29 23.77 -17.03
C ALA B 194 -12.54 23.42 -16.17
N MET B 195 -13.23 22.31 -16.49
CA MET B 195 -14.41 22.00 -15.71
C MET B 195 -14.08 21.70 -14.26
N SER B 196 -14.94 22.17 -13.36
CA SER B 196 -14.71 22.06 -11.94
C SER B 196 -16.01 22.31 -11.20
N SER B 197 -16.19 21.50 -10.17
CA SER B 197 -17.29 21.64 -9.25
C SER B 197 -17.29 23.03 -8.67
N ARG B 198 -16.12 23.65 -8.64
CA ARG B 198 -16.03 24.95 -8.01
C ARG B 198 -16.45 26.15 -8.95
N ASN B 199 -16.59 25.92 -10.25
CA ASN B 199 -16.86 27.00 -11.20
C ASN B 199 -18.23 27.72 -10.90
N ARG B 200 -19.16 26.97 -10.35
CA ARG B 200 -20.53 27.54 -10.10
C ARG B 200 -20.52 28.60 -8.97
N TYR B 201 -19.46 28.65 -8.16
CA TYR B 201 -19.36 29.63 -7.10
C TYR B 201 -18.88 30.99 -7.53
N LEU B 202 -18.32 31.04 -8.74
CA LEU B 202 -17.79 32.30 -9.28
C LEU B 202 -18.92 33.22 -9.69
N ASP B 203 -18.89 34.46 -9.20
CA ASP B 203 -19.82 35.46 -9.72
C ASP B 203 -19.43 35.90 -11.19
N PRO B 204 -20.25 36.72 -11.89
CA PRO B 204 -19.92 36.91 -13.28
C PRO B 204 -18.56 37.62 -13.51
N ALA B 205 -18.19 38.63 -12.68
CA ALA B 205 -16.85 39.24 -12.80
C ALA B 205 -15.74 38.18 -12.58
N GLN B 206 -15.94 37.30 -11.61
CA GLN B 206 -14.92 36.29 -11.31
C GLN B 206 -14.85 35.25 -12.42
N ARG B 207 -16.04 34.88 -12.95
CA ARG B 207 -16.08 33.92 -14.04
C ARG B 207 -15.41 34.43 -15.27
N ALA B 208 -15.52 35.74 -15.52
CA ALA B 208 -14.88 36.36 -16.70
C ALA B 208 -13.37 36.42 -16.47
N ALA B 209 -12.98 36.78 -15.25
CA ALA B 209 -11.55 36.81 -14.96
C ALA B 209 -10.89 35.40 -15.02
N ALA B 210 -11.64 34.36 -14.67
CA ALA B 210 -11.11 33.03 -14.55
C ALA B 210 -10.61 32.45 -15.86
N VAL B 211 -11.07 32.96 -17.01
N VAL B 211 -11.10 33.00 -17.00
CA VAL B 211 -10.58 32.48 -18.29
CA VAL B 211 -10.64 32.66 -18.33
C VAL B 211 -9.08 32.80 -18.43
C VAL B 211 -9.12 32.81 -18.43
N ALA B 212 -8.53 33.70 -17.62
CA ALA B 212 -7.07 34.00 -17.70
C ALA B 212 -6.19 32.76 -17.37
N LEU B 213 -6.67 31.83 -16.54
CA LEU B 213 -5.82 30.69 -16.24
C LEU B 213 -5.55 29.87 -17.50
N SER B 214 -6.61 29.50 -18.21
CA SER B 214 -6.43 28.69 -19.41
C SER B 214 -5.79 29.51 -20.53
N ALA B 215 -6.14 30.78 -20.60
CA ALA B 215 -5.55 31.65 -21.66
C ALA B 215 -4.07 31.81 -21.44
N ALA B 216 -3.62 31.95 -20.17
CA ALA B 216 -2.21 32.04 -19.84
C ALA B 216 -1.47 30.81 -20.25
N LEU B 217 -2.08 29.65 -19.98
CA LEU B 217 -1.34 28.38 -20.23
C LEU B 217 -1.27 28.10 -21.69
N THR B 218 -2.35 28.37 -22.44
CA THR B 218 -2.28 28.13 -23.92
CA THR B 218 -2.27 28.12 -23.89
C THR B 218 -1.33 29.13 -24.60
N ALA B 219 -1.30 30.37 -24.10
CA ALA B 219 -0.39 31.39 -24.65
C ALA B 219 1.04 30.86 -24.43
N ALA B 220 1.28 30.32 -23.23
CA ALA B 220 2.62 29.77 -22.90
C ALA B 220 3.01 28.61 -23.77
N ALA B 221 2.07 27.73 -24.09
CA ALA B 221 2.37 26.51 -24.81
C ALA B 221 2.82 26.92 -26.23
N HIS B 222 2.21 27.99 -26.77
CA HIS B 222 2.61 28.55 -28.07
C HIS B 222 3.83 29.46 -28.05
N ALA B 223 4.06 30.22 -26.98
CA ALA B 223 5.26 31.03 -26.79
C ALA B 223 6.52 30.15 -26.69
N ALA B 224 6.33 28.84 -26.36
CA ALA B 224 7.45 27.99 -25.96
C ALA B 224 8.43 27.68 -27.08
N THR B 225 8.05 27.88 -28.35
CA THR B 225 9.12 27.86 -29.40
C THR B 225 10.23 28.84 -29.13
N ALA B 226 9.98 29.91 -28.37
CA ALA B 226 11.00 30.92 -28.03
C ALA B 226 11.72 30.61 -26.70
N GLY B 227 11.46 29.44 -26.14
CA GLY B 227 12.14 28.92 -24.92
C GLY B 227 11.27 29.02 -23.64
N ALA B 228 11.86 28.55 -22.54
CA ALA B 228 11.13 28.44 -21.27
C ALA B 228 10.80 29.76 -20.65
N GLN B 229 11.74 30.69 -20.74
CA GLN B 229 11.51 31.98 -20.11
C GLN B 229 10.36 32.70 -20.86
N ALA B 230 10.37 32.61 -22.19
CA ALA B 230 9.29 33.31 -22.94
C ALA B 230 7.96 32.68 -22.59
N ALA B 231 7.88 31.35 -22.42
CA ALA B 231 6.60 30.71 -22.08
C ALA B 231 6.10 31.21 -20.71
N LEU B 232 7.00 31.23 -19.72
CA LEU B 232 6.61 31.67 -18.38
C LEU B 232 6.19 33.12 -18.40
N ASP B 233 6.94 33.93 -19.17
CA ASP B 233 6.67 35.38 -19.18
C ASP B 233 5.34 35.65 -19.84
N ALA B 234 5.08 34.95 -20.95
CA ALA B 234 3.73 35.08 -21.62
C ALA B 234 2.61 34.69 -20.64
N ALA B 235 2.77 33.57 -19.90
CA ALA B 235 1.64 33.18 -19.02
C ALA B 235 1.49 34.26 -17.91
N ARG B 236 2.62 34.73 -17.38
CA ARG B 236 2.52 35.72 -16.28
C ARG B 236 1.83 37.04 -16.78
N ALA B 237 2.13 37.43 -18.03
CA ALA B 237 1.56 38.67 -18.54
C ALA B 237 0.04 38.50 -18.64
N VAL B 238 -0.41 37.34 -19.14
CA VAL B 238 -1.87 37.09 -19.23
C VAL B 238 -2.53 37.11 -17.84
N LEU B 239 -1.94 36.39 -16.89
CA LEU B 239 -2.45 36.49 -15.50
C LEU B 239 -2.46 37.94 -14.97
N ASP B 240 -1.43 38.71 -15.28
CA ASP B 240 -1.32 40.11 -14.86
C ASP B 240 -2.38 41.03 -15.49
N ALA B 241 -2.99 40.60 -16.59
CA ALA B 241 -4.05 41.40 -17.25
C ALA B 241 -5.44 41.16 -16.60
N ALA B 242 -5.52 40.26 -15.61
CA ALA B 242 -6.82 39.91 -15.01
C ALA B 242 -6.95 40.52 -13.60
N PRO B 243 -8.11 41.13 -13.31
CA PRO B 243 -8.32 41.66 -11.94
C PRO B 243 -8.80 40.54 -10.99
N GLY B 244 -8.45 40.67 -9.74
CA GLY B 244 -8.92 39.73 -8.69
C GLY B 244 -8.48 38.28 -8.83
N VAL B 245 -7.29 38.09 -9.39
CA VAL B 245 -6.79 36.72 -9.61
C VAL B 245 -5.47 36.66 -8.84
N ALA B 246 -5.54 36.07 -7.66
CA ALA B 246 -4.40 36.09 -6.82
C ALA B 246 -3.63 34.77 -7.12
N VAL B 247 -2.48 34.87 -7.76
CA VAL B 247 -1.82 33.64 -8.21
C VAL B 247 -1.05 33.00 -7.04
N ASP B 248 -1.32 31.72 -6.80
CA ASP B 248 -0.56 31.04 -5.70
C ASP B 248 0.76 30.48 -6.23
N TYR B 249 0.74 29.86 -7.42
CA TYR B 249 2.02 29.53 -8.07
C TYR B 249 1.82 29.49 -9.56
N LEU B 250 2.94 29.52 -10.29
CA LEU B 250 2.96 29.32 -11.72
C LEU B 250 4.33 28.66 -11.98
N GLU B 251 4.33 27.37 -12.26
N GLU B 251 4.31 27.37 -12.31
CA GLU B 251 5.60 26.61 -12.39
CA GLU B 251 5.52 26.52 -12.35
C GLU B 251 5.65 25.69 -13.57
C GLU B 251 5.64 25.64 -13.57
N LEU B 252 6.81 25.69 -14.23
CA LEU B 252 7.09 24.85 -15.34
C LEU B 252 7.96 23.71 -14.79
N ARG B 253 7.54 22.47 -15.05
CA ARG B 253 8.25 21.29 -14.54
C ARG B 253 8.41 20.29 -15.63
N ASP B 254 9.18 19.20 -15.41
CA ASP B 254 9.14 18.10 -16.41
C ASP B 254 7.82 17.34 -16.27
N ILE B 255 7.56 16.35 -17.11
CA ILE B 255 6.26 15.72 -17.13
C ILE B 255 5.96 14.92 -15.83
N GLY B 256 7.03 14.50 -15.16
CA GLY B 256 6.92 13.83 -13.81
C GLY B 256 6.94 14.79 -12.62
N LEU B 257 6.91 16.10 -12.90
CA LEU B 257 6.94 17.19 -11.91
C LEU B 257 8.29 17.42 -11.19
N GLY B 258 9.33 16.81 -11.72
CA GLY B 258 10.69 17.23 -11.35
C GLY B 258 11.06 18.52 -12.08
N PRO B 259 12.34 18.94 -11.93
CA PRO B 259 12.94 20.08 -12.68
C PRO B 259 12.75 20.00 -14.20
N MET B 260 12.34 21.08 -14.81
CA MET B 260 12.21 21.15 -16.25
C MET B 260 13.57 20.94 -16.91
N PRO B 261 13.64 19.99 -17.89
CA PRO B 261 14.88 19.75 -18.65
C PRO B 261 15.05 20.95 -19.59
N LEU B 262 16.30 21.27 -19.95
CA LEU B 262 16.55 22.52 -20.73
C LEU B 262 15.69 22.70 -22.03
N ASN B 263 15.40 21.57 -22.69
CA ASN B 263 14.46 21.51 -23.82
C ASN B 263 13.61 20.23 -23.63
N GLY B 264 12.74 19.86 -24.56
CA GLY B 264 11.92 18.64 -24.35
C GLY B 264 10.56 18.95 -23.69
N SER B 265 9.93 17.92 -23.15
CA SER B 265 8.53 18.02 -22.73
C SER B 265 8.41 18.41 -21.29
N GLY B 266 7.39 19.21 -20.97
CA GLY B 266 7.16 19.53 -19.60
C GLY B 266 5.67 19.75 -19.39
N ARG B 267 5.38 20.27 -18.22
CA ARG B 267 4.04 20.61 -17.85
C ARG B 267 4.10 21.97 -17.17
N LEU B 268 3.12 22.83 -17.46
CA LEU B 268 3.03 24.15 -16.83
C LEU B 268 1.80 24.18 -15.95
N LEU B 269 1.96 24.47 -14.66
CA LEU B 269 0.83 24.37 -13.70
C LEU B 269 0.61 25.74 -13.06
N VAL B 270 -0.67 26.06 -12.87
CA VAL B 270 -1.04 27.28 -12.20
C VAL B 270 -2.12 27.02 -11.15
N ALA B 271 -2.13 27.85 -10.10
CA ALA B 271 -3.22 27.91 -9.13
C ALA B 271 -3.46 29.35 -8.70
N ALA B 272 -4.72 29.70 -8.52
CA ALA B 272 -5.04 31.04 -8.15
C ALA B 272 -6.29 31.05 -7.35
N ARG B 273 -6.39 32.09 -6.53
CA ARG B 273 -7.63 32.34 -5.75
C ARG B 273 -8.43 33.47 -6.33
N LEU B 274 -9.72 33.26 -6.62
CA LEU B 274 -10.62 34.31 -7.10
C LEU B 274 -11.69 34.48 -6.01
N GLY B 275 -11.58 35.52 -5.19
CA GLY B 275 -12.57 35.67 -4.06
C GLY B 275 -12.20 34.57 -3.08
N THR B 276 -13.14 33.69 -2.79
CA THR B 276 -12.91 32.54 -1.90
C THR B 276 -12.65 31.23 -2.66
N THR B 277 -12.69 31.28 -4.00
CA THR B 277 -12.66 30.05 -4.79
C THR B 277 -11.24 29.85 -5.35
N ARG B 278 -10.60 28.72 -5.02
CA ARG B 278 -9.33 28.34 -5.60
C ARG B 278 -9.51 27.53 -6.88
N LEU B 279 -8.80 27.94 -7.95
CA LEU B 279 -8.88 27.26 -9.23
C LEU B 279 -7.51 26.77 -9.64
N LEU B 280 -7.46 25.66 -10.36
CA LEU B 280 -6.18 25.10 -10.85
C LEU B 280 -6.28 24.84 -12.35
N ASP B 281 -5.14 24.82 -13.09
CA ASP B 281 -5.16 24.38 -14.43
C ASP B 281 -3.74 23.97 -14.75
N ASN B 282 -3.58 23.17 -15.80
CA ASN B 282 -2.22 22.82 -16.23
C ASN B 282 -2.25 22.47 -17.72
N ILE B 283 -1.08 22.41 -18.39
CA ILE B 283 -1.05 22.13 -19.81
C ILE B 283 0.30 21.53 -20.15
N ALA B 284 0.31 20.68 -21.17
CA ALA B 284 1.53 20.16 -21.77
C ALA B 284 2.31 21.29 -22.47
N ILE B 285 3.63 21.28 -22.32
CA ILE B 285 4.50 22.34 -22.86
C ILE B 285 5.65 21.59 -23.58
N GLU B 286 6.01 22.02 -24.79
CA GLU B 286 7.19 21.43 -25.44
C GLU B 286 8.18 22.57 -25.65
N ILE B 287 9.40 22.44 -25.14
CA ILE B 287 10.36 23.58 -25.13
C ILE B 287 11.29 23.71 -26.35
N GLY B 288 11.15 24.83 -27.09
CA GLY B 288 11.90 25.09 -28.33
C GLY B 288 11.32 24.30 -29.50
#